data_1FBZ
#
_entry.id   1FBZ
#
_cell.length_a   44.870
_cell.length_b   56.260
_cell.length_c   102.770
_cell.angle_alpha   90.00
_cell.angle_beta   90.00
_cell.angle_gamma   90.00
#
_symmetry.space_group_name_H-M   'P 21 21 21'
#
loop_
_entity.id
_entity.type
_entity.pdbx_description
1 polymer 'PROTO-ONCOGENE TYROSINE-PROTEIN KINASE LCK'
2 non-polymer '{4-[2-ACETYLAMINO-2-(3-CARBAMOYL-2-CYCLOHEXYLMETHOXY-6,7,8,9-TETRAHYDRO-5H-BENZOCYCLOHEPTEN-5YLCARBAMOYL)-ETHYL]-2-PHOSPHONO-PHENYL}-PHOSPHONIC ACID'
3 water water
#
_entity_poly.entity_id   1
_entity_poly.type   'polypeptide(L)'
_entity_poly.pdbx_seq_one_letter_code
;EPEPWFFKNLSRKDAERQLLAPGNTHGSFLIRESESTAGSFCLSVRDFDQNQGEVVKHYKIRNLDNGGFYISPRITFPGL
HELVRHYTNASDGLCTRLSRPCQT
;
_entity_poly.pdbx_strand_id   A,B
#
loop_
_chem_comp.id
_chem_comp.type
_chem_comp.name
_chem_comp.formula
CC1 non-polymer '{4-[2-ACETYLAMINO-2-(3-CARBAMOYL-2-CYCLOHEXYLMETHOXY-6,7,8,9-TETRAHYDRO-5H-BENZOCYCLOHEPTEN-5YLCARBAMOYL)-ETHYL]-2-PHOSPHONO-PHENYL}-PHOSPHONIC ACID' 'C30 H41 N3 O10 P2'
#
# COMPACT_ATOMS: atom_id res chain seq x y z
N GLU A 1 8.27 -9.90 -0.27
CA GLU A 1 7.82 -9.31 -1.56
C GLU A 1 6.54 -9.99 -2.07
N PRO A 2 5.37 -9.47 -1.68
CA PRO A 2 4.04 -9.97 -2.04
C PRO A 2 3.80 -10.45 -3.48
N GLU A 3 4.36 -9.75 -4.46
CA GLU A 3 4.13 -10.16 -5.84
C GLU A 3 5.33 -10.06 -6.78
N PRO A 4 6.24 -11.06 -6.72
CA PRO A 4 7.45 -11.13 -7.54
C PRO A 4 7.13 -11.41 -9.01
N TRP A 5 5.86 -11.74 -9.27
CA TRP A 5 5.38 -12.03 -10.61
C TRP A 5 4.82 -10.82 -11.31
N PHE A 6 4.36 -9.84 -10.53
CA PHE A 6 3.76 -8.63 -11.06
C PHE A 6 4.74 -7.67 -11.70
N PHE A 7 5.10 -7.94 -12.95
CA PHE A 7 5.99 -7.06 -13.70
C PHE A 7 5.05 -6.15 -14.49
N LYS A 8 4.30 -5.37 -13.72
CA LYS A 8 3.27 -4.43 -14.18
C LYS A 8 3.53 -3.52 -15.38
N ASN A 9 4.65 -2.82 -15.39
CA ASN A 9 4.96 -1.89 -16.48
C ASN A 9 5.76 -2.49 -17.64
N LEU A 10 5.80 -3.81 -17.74
CA LEU A 10 6.55 -4.44 -18.81
C LEU A 10 5.74 -4.53 -20.09
N SER A 11 6.43 -4.33 -21.22
CA SER A 11 5.79 -4.42 -22.50
C SER A 11 5.81 -5.88 -22.92
N ARG A 12 4.90 -6.24 -23.82
CA ARG A 12 4.79 -7.60 -24.35
C ARG A 12 6.20 -8.07 -24.63
N LYS A 13 6.85 -7.41 -25.57
CA LYS A 13 8.22 -7.74 -25.96
C LYS A 13 9.20 -7.82 -24.80
N ASP A 14 9.16 -6.89 -23.86
CA ASP A 14 10.08 -6.94 -22.73
C ASP A 14 9.78 -8.11 -21.79
N ALA A 15 8.52 -8.58 -21.80
CA ALA A 15 8.09 -9.70 -20.97
C ALA A 15 8.70 -10.98 -21.50
N GLU A 16 8.51 -11.24 -22.80
CA GLU A 16 9.02 -12.43 -23.49
C GLU A 16 10.54 -12.53 -23.33
N ARG A 17 11.24 -11.48 -23.73
CA ARG A 17 12.69 -11.43 -23.64
C ARG A 17 13.18 -11.70 -22.21
N GLN A 18 12.43 -11.20 -21.24
CA GLN A 18 12.82 -11.34 -19.84
C GLN A 18 12.66 -12.77 -19.37
N LEU A 19 11.52 -13.36 -19.71
CA LEU A 19 11.23 -14.73 -19.32
C LEU A 19 12.24 -15.70 -19.93
N LEU A 20 12.52 -15.52 -21.24
CA LEU A 20 13.47 -16.38 -21.96
C LEU A 20 14.91 -16.05 -21.59
N ALA A 21 15.08 -15.37 -20.49
CA ALA A 21 16.41 -15.00 -20.04
C ALA A 21 16.83 -15.91 -18.91
N PRO A 22 18.14 -16.09 -18.74
CA PRO A 22 18.75 -16.92 -17.70
C PRO A 22 18.04 -16.82 -16.36
N GLY A 23 18.04 -17.94 -15.64
CA GLY A 23 17.38 -17.98 -14.35
C GLY A 23 15.91 -18.35 -14.45
N ASN A 24 15.43 -18.58 -15.67
CA ASN A 24 14.02 -18.95 -15.84
C ASN A 24 13.84 -20.33 -16.48
N THR A 25 12.61 -20.85 -16.47
CA THR A 25 12.31 -22.15 -17.04
C THR A 25 10.83 -22.35 -17.35
N HIS A 26 10.43 -23.60 -17.52
CA HIS A 26 9.06 -23.96 -17.84
C HIS A 26 8.14 -23.54 -16.69
N GLY A 27 7.10 -22.78 -17.03
CA GLY A 27 6.18 -22.34 -16.00
C GLY A 27 6.61 -21.04 -15.38
N SER A 28 7.78 -20.53 -15.76
CA SER A 28 8.26 -19.25 -15.25
C SER A 28 7.34 -18.21 -15.87
N PHE A 29 6.78 -17.35 -15.02
CA PHE A 29 5.81 -16.36 -15.48
C PHE A 29 5.87 -14.99 -14.82
N LEU A 30 4.92 -14.14 -15.22
CA LEU A 30 4.76 -12.79 -14.72
C LEU A 30 3.40 -12.31 -15.20
N ILE A 31 2.83 -11.36 -14.47
CA ILE A 31 1.56 -10.78 -14.84
C ILE A 31 1.79 -9.30 -15.12
N ARG A 32 1.86 -8.96 -16.40
CA ARG A 32 2.06 -7.57 -16.78
C ARG A 32 0.70 -6.96 -17.15
N GLU A 33 0.60 -5.64 -17.09
CA GLU A 33 -0.64 -4.96 -17.45
C GLU A 33 -0.81 -5.13 -18.96
N SER A 34 -2.05 -5.20 -19.42
CA SER A 34 -2.34 -5.38 -20.85
C SER A 34 -1.73 -4.29 -21.73
N GLU A 35 -1.15 -4.71 -22.86
CA GLU A 35 -0.53 -3.79 -23.80
C GLU A 35 -1.47 -3.27 -24.87
N SER A 36 -1.90 -4.17 -25.75
CA SER A 36 -2.79 -3.83 -26.84
C SER A 36 -3.99 -3.00 -26.39
N THR A 37 -4.59 -3.37 -25.27
CA THR A 37 -5.70 -2.61 -24.69
C THR A 37 -5.23 -2.14 -23.33
N ALA A 38 -6.14 -1.70 -22.48
CA ALA A 38 -5.78 -1.23 -21.17
C ALA A 38 -6.85 -1.61 -20.18
N GLY A 39 -6.48 -1.60 -18.91
CA GLY A 39 -7.42 -1.95 -17.87
C GLY A 39 -7.37 -3.38 -17.41
N SER A 40 -7.03 -4.29 -18.32
CA SER A 40 -6.95 -5.72 -17.98
C SER A 40 -5.50 -6.16 -17.82
N PHE A 41 -5.28 -7.31 -17.17
CA PHE A 41 -3.92 -7.80 -17.00
C PHE A 41 -3.63 -8.99 -17.89
N CYS A 42 -2.35 -9.32 -18.01
CA CYS A 42 -1.91 -10.42 -18.85
C CYS A 42 -0.84 -11.26 -18.16
N LEU A 43 -1.01 -12.58 -18.26
CA LEU A 43 -0.09 -13.55 -17.67
C LEU A 43 0.84 -14.10 -18.76
N SER A 44 2.13 -13.79 -18.66
CA SER A 44 3.11 -14.27 -19.64
C SER A 44 3.87 -15.44 -19.06
N VAL A 45 3.86 -16.56 -19.78
CA VAL A 45 4.51 -17.77 -19.32
C VAL A 45 5.38 -18.50 -20.34
N ARG A 46 6.62 -18.76 -19.95
CA ARG A 46 7.58 -19.47 -20.78
C ARG A 46 7.13 -20.93 -20.81
N ASP A 47 7.28 -21.57 -21.96
CA ASP A 47 6.84 -22.94 -22.13
C ASP A 47 7.62 -23.74 -23.19
N PHE A 48 7.60 -25.07 -23.03
CA PHE A 48 8.25 -26.01 -23.94
C PHE A 48 7.37 -26.33 -25.17
N ASP A 49 7.94 -26.19 -26.34
CA ASP A 49 7.23 -26.48 -27.58
C ASP A 49 8.21 -27.21 -28.51
N GLN A 50 7.97 -28.52 -28.65
CA GLN A 50 8.78 -29.42 -29.48
C GLN A 50 9.49 -28.82 -30.68
N ASN A 51 8.82 -27.89 -31.37
CA ASN A 51 9.41 -27.26 -32.55
C ASN A 51 10.56 -26.32 -32.22
N GLN A 52 10.23 -25.11 -31.77
CA GLN A 52 11.24 -24.12 -31.44
C GLN A 52 11.57 -24.07 -29.95
N GLY A 53 11.27 -25.16 -29.27
CA GLY A 53 11.55 -25.25 -27.84
C GLY A 53 10.92 -24.16 -27.02
N GLU A 54 11.75 -23.53 -26.17
CA GLU A 54 11.31 -22.47 -25.28
C GLU A 54 10.67 -21.28 -25.97
N VAL A 55 9.43 -21.01 -25.57
CA VAL A 55 8.65 -19.90 -26.09
C VAL A 55 7.97 -19.17 -24.93
N VAL A 56 7.17 -18.16 -25.25
CA VAL A 56 6.43 -17.41 -24.25
C VAL A 56 5.04 -17.24 -24.81
N LYS A 57 4.04 -17.45 -23.96
CA LYS A 57 2.65 -17.32 -24.37
C LYS A 57 1.97 -16.40 -23.40
N HIS A 58 0.95 -15.71 -23.88
CA HIS A 58 0.23 -14.76 -23.05
C HIS A 58 -1.23 -15.12 -22.89
N TYR A 59 -1.67 -15.06 -21.63
CA TYR A 59 -3.04 -15.35 -21.23
C TYR A 59 -3.71 -14.07 -20.71
N LYS A 60 -4.83 -13.70 -21.31
CA LYS A 60 -5.58 -12.51 -20.94
C LYS A 60 -6.38 -12.72 -19.65
N ILE A 61 -6.05 -11.92 -18.63
CA ILE A 61 -6.73 -11.97 -17.34
C ILE A 61 -7.88 -10.95 -17.35
N ARG A 62 -9.04 -11.39 -17.79
CA ARG A 62 -10.21 -10.52 -17.85
C ARG A 62 -10.68 -10.15 -16.45
N ASN A 63 -11.08 -8.89 -16.30
CA ASN A 63 -11.55 -8.37 -15.03
C ASN A 63 -12.99 -8.75 -14.81
N LEU A 64 -13.25 -9.29 -13.63
CA LEU A 64 -14.60 -9.70 -13.26
C LEU A 64 -15.38 -8.42 -12.98
N ASP A 65 -16.71 -8.50 -13.03
CA ASP A 65 -17.52 -7.31 -12.78
C ASP A 65 -17.28 -6.71 -11.38
N ASN A 66 -17.37 -7.54 -10.35
CA ASN A 66 -17.16 -7.09 -8.98
C ASN A 66 -15.70 -6.79 -8.64
N GLY A 67 -14.83 -6.81 -9.64
CA GLY A 67 -13.44 -6.51 -9.40
C GLY A 67 -12.50 -7.68 -9.38
N GLY A 68 -13.05 -8.89 -9.43
CA GLY A 68 -12.21 -10.07 -9.41
C GLY A 68 -11.42 -10.25 -10.69
N PHE A 69 -10.89 -11.45 -10.89
CA PHE A 69 -10.10 -11.78 -12.06
C PHE A 69 -10.37 -13.22 -12.53
N TYR A 70 -10.00 -13.52 -13.78
CA TYR A 70 -10.17 -14.87 -14.31
C TYR A 70 -9.65 -14.98 -15.73
N ILE A 71 -8.96 -16.08 -16.03
CA ILE A 71 -8.47 -16.33 -17.38
C ILE A 71 -9.58 -17.12 -18.08
N SER A 72 -10.21 -18.04 -17.34
CA SER A 72 -11.30 -18.86 -17.85
C SER A 72 -12.51 -18.53 -17.01
N PRO A 73 -13.66 -18.29 -17.66
CA PRO A 73 -14.87 -17.97 -16.92
C PRO A 73 -15.39 -19.05 -15.99
N ARG A 74 -14.69 -20.18 -15.88
CA ARG A 74 -15.13 -21.23 -14.98
C ARG A 74 -14.75 -20.88 -13.55
N ILE A 75 -13.48 -20.55 -13.33
CA ILE A 75 -12.97 -20.16 -12.00
C ILE A 75 -12.67 -18.66 -12.04
N THR A 76 -13.32 -17.90 -11.15
CA THR A 76 -13.14 -16.46 -11.10
C THR A 76 -12.64 -15.98 -9.73
N PHE A 77 -11.33 -15.94 -9.61
CA PHE A 77 -10.63 -15.56 -8.40
C PHE A 77 -10.85 -14.14 -7.93
N PRO A 78 -10.76 -13.92 -6.60
CA PRO A 78 -10.94 -12.60 -5.98
C PRO A 78 -9.77 -11.65 -6.23
N GLY A 79 -8.57 -12.21 -6.40
CA GLY A 79 -7.41 -11.38 -6.64
C GLY A 79 -6.35 -12.06 -7.50
N LEU A 80 -5.39 -11.29 -7.98
CA LEU A 80 -4.30 -11.80 -8.81
C LEU A 80 -3.45 -12.82 -8.04
N HIS A 81 -3.58 -12.83 -6.73
CA HIS A 81 -2.81 -13.76 -5.93
C HIS A 81 -3.39 -15.16 -6.03
N GLU A 82 -4.70 -15.32 -5.81
CA GLU A 82 -5.34 -16.64 -5.91
C GLU A 82 -5.34 -17.19 -7.33
N LEU A 83 -5.28 -16.28 -8.31
CA LEU A 83 -5.24 -16.67 -9.72
C LEU A 83 -3.91 -17.41 -9.90
N VAL A 84 -2.84 -16.76 -9.46
CA VAL A 84 -1.51 -17.33 -9.55
C VAL A 84 -1.41 -18.61 -8.70
N ARG A 85 -2.19 -18.68 -7.63
CA ARG A 85 -2.13 -19.87 -6.78
C ARG A 85 -2.75 -21.07 -7.51
N HIS A 86 -4.00 -20.94 -7.91
CA HIS A 86 -4.73 -21.99 -8.60
C HIS A 86 -4.00 -22.54 -9.80
N TYR A 87 -3.35 -21.66 -10.57
CA TYR A 87 -2.63 -22.12 -11.76
C TYR A 87 -1.21 -22.60 -11.51
N THR A 88 -0.72 -22.38 -10.29
CA THR A 88 0.60 -22.83 -9.90
C THR A 88 0.45 -24.27 -9.40
N ASN A 89 -0.71 -24.56 -8.83
CA ASN A 89 -1.03 -25.88 -8.32
C ASN A 89 -1.31 -26.85 -9.48
N ALA A 90 -1.80 -26.30 -10.59
CA ALA A 90 -2.14 -27.08 -11.78
C ALA A 90 -2.45 -26.19 -12.99
N SER A 91 -2.11 -26.68 -14.17
CA SER A 91 -2.34 -25.93 -15.40
C SER A 91 -3.83 -25.59 -15.55
N ASP A 92 -4.69 -26.56 -15.25
CA ASP A 92 -6.14 -26.39 -15.33
C ASP A 92 -6.62 -25.87 -16.68
N GLY A 93 -5.94 -26.28 -17.75
CA GLY A 93 -6.34 -25.83 -19.08
C GLY A 93 -5.32 -24.90 -19.69
N LEU A 94 -4.33 -24.51 -18.88
CA LEU A 94 -3.27 -23.65 -19.36
C LEU A 94 -2.33 -24.53 -20.13
N CYS A 95 -1.45 -23.90 -20.91
CA CYS A 95 -0.46 -24.63 -21.69
C CYS A 95 0.53 -25.30 -20.75
N THR A 96 0.63 -24.76 -19.53
CA THR A 96 1.55 -25.30 -18.54
C THR A 96 1.26 -24.74 -17.14
N ARG A 97 1.88 -25.34 -16.14
CA ARG A 97 1.72 -24.92 -14.75
C ARG A 97 2.61 -23.71 -14.40
N LEU A 98 2.09 -22.81 -13.58
CA LEU A 98 2.86 -21.63 -13.19
C LEU A 98 3.82 -22.02 -12.10
N SER A 99 4.95 -22.59 -12.49
CA SER A 99 5.93 -23.02 -11.51
C SER A 99 6.45 -21.94 -10.57
N ARG A 100 7.30 -21.06 -11.10
CA ARG A 100 7.91 -20.02 -10.30
C ARG A 100 7.88 -18.66 -11.03
N PRO A 101 7.83 -17.55 -10.25
CA PRO A 101 7.80 -16.21 -10.83
C PRO A 101 9.10 -15.85 -11.54
N CYS A 102 8.98 -14.99 -12.55
CA CYS A 102 10.11 -14.55 -13.36
C CYS A 102 11.20 -13.94 -12.49
N GLN A 103 12.45 -14.17 -12.91
CA GLN A 103 13.61 -13.68 -12.16
C GLN A 103 14.52 -12.81 -13.06
N THR A 104 15.30 -11.94 -12.43
CA THR A 104 16.24 -11.08 -13.15
C THR A 104 17.45 -10.69 -12.28
N GLU B 1 17.58 8.42 18.09
CA GLU B 1 16.66 7.85 17.05
C GLU B 1 15.30 8.55 17.07
N PRO B 2 15.18 9.70 16.36
CA PRO B 2 13.90 10.44 16.33
C PRO B 2 12.67 9.64 15.92
N GLU B 3 11.66 9.77 16.78
CA GLU B 3 10.33 9.19 16.68
C GLU B 3 9.66 9.33 15.31
N PRO B 4 8.98 8.27 14.85
CA PRO B 4 8.30 8.27 13.56
C PRO B 4 7.03 9.13 13.44
N TRP B 5 6.75 9.93 14.46
CA TRP B 5 5.58 10.79 14.43
C TRP B 5 5.93 12.26 14.66
N PHE B 6 7.19 12.59 14.39
CA PHE B 6 7.66 13.97 14.55
C PHE B 6 8.02 14.49 13.17
N PHE B 7 7.59 15.71 12.87
CA PHE B 7 7.86 16.31 11.57
C PHE B 7 8.49 17.69 11.66
N LYS B 8 9.82 17.68 11.79
CA LYS B 8 10.68 18.87 11.89
C LYS B 8 9.99 20.23 11.88
N ASN B 9 9.71 20.72 10.67
CA ASN B 9 9.07 22.00 10.48
C ASN B 9 8.03 21.83 9.38
N LEU B 10 7.05 20.96 9.63
CA LEU B 10 5.99 20.70 8.67
C LEU B 10 4.81 21.67 8.83
N SER B 11 4.34 22.18 7.69
CA SER B 11 3.23 23.11 7.66
C SER B 11 1.91 22.42 7.94
N ARG B 12 1.00 23.16 8.56
CA ARG B 12 -0.34 22.68 8.89
C ARG B 12 -1.04 22.28 7.58
N LYS B 13 -0.77 23.06 6.54
CA LYS B 13 -1.35 22.86 5.21
C LYS B 13 -0.82 21.61 4.50
N ASP B 14 0.46 21.31 4.68
CA ASP B 14 1.04 20.12 4.07
C ASP B 14 0.66 18.86 4.84
N ALA B 15 0.63 18.97 6.17
CA ALA B 15 0.28 17.88 7.06
C ALA B 15 -1.05 17.27 6.62
N GLU B 16 -1.94 18.14 6.13
CA GLU B 16 -3.26 17.71 5.66
C GLU B 16 -3.07 16.66 4.57
N ARG B 17 -2.45 17.08 3.47
CA ARG B 17 -2.20 16.20 2.32
C ARG B 17 -1.33 15.00 2.67
N GLN B 18 -0.41 15.19 3.61
CA GLN B 18 0.46 14.10 4.06
C GLN B 18 -0.46 12.96 4.50
N LEU B 19 -1.30 13.27 5.50
CA LEU B 19 -2.25 12.31 6.07
C LEU B 19 -3.41 11.94 5.16
N LEU B 20 -3.70 12.79 4.19
CA LEU B 20 -4.81 12.53 3.29
C LEU B 20 -4.42 11.59 2.16
N ALA B 21 -3.15 11.21 2.15
CA ALA B 21 -2.61 10.31 1.14
C ALA B 21 -2.78 8.85 1.57
N PRO B 22 -2.75 7.90 0.59
CA PRO B 22 -2.90 6.47 0.88
C PRO B 22 -1.81 5.97 1.84
N GLY B 23 -2.07 4.82 2.45
CA GLY B 23 -1.11 4.29 3.42
C GLY B 23 -1.39 4.91 4.76
N ASN B 24 -2.49 5.67 4.84
CA ASN B 24 -2.93 6.34 6.06
C ASN B 24 -4.41 6.08 6.28
N THR B 25 -4.80 5.93 7.55
CA THR B 25 -6.19 5.71 7.91
C THR B 25 -6.48 6.57 9.12
N HIS B 26 -7.68 6.42 9.69
CA HIS B 26 -8.05 7.18 10.88
C HIS B 26 -7.01 6.87 11.94
N GLY B 27 -6.84 7.77 12.91
CA GLY B 27 -5.86 7.52 13.95
C GLY B 27 -4.44 7.80 13.53
N SER B 28 -4.17 7.76 12.22
CA SER B 28 -2.83 8.07 11.74
C SER B 28 -2.60 9.50 12.17
N PHE B 29 -1.40 9.82 12.64
CA PHE B 29 -1.12 11.16 13.13
C PHE B 29 0.31 11.63 12.93
N LEU B 30 0.55 12.84 13.45
CA LEU B 30 1.86 13.46 13.39
C LEU B 30 1.92 14.68 14.32
N ILE B 31 3.13 14.98 14.76
CA ILE B 31 3.40 16.13 15.60
C ILE B 31 4.42 16.96 14.85
N ARG B 32 4.16 18.27 14.79
CA ARG B 32 5.04 19.20 14.10
C ARG B 32 5.14 20.46 14.94
N GLU B 33 6.12 21.30 14.63
CA GLU B 33 6.26 22.55 15.37
C GLU B 33 5.17 23.51 14.92
N SER B 34 4.62 24.26 15.88
CA SER B 34 3.53 25.20 15.60
C SER B 34 3.78 26.09 14.40
N GLU B 35 2.79 26.13 13.52
CA GLU B 35 2.82 26.92 12.29
C GLU B 35 2.64 28.41 12.57
N SER B 36 2.07 28.73 13.73
CA SER B 36 1.84 30.12 14.10
C SER B 36 2.42 30.45 15.48
N THR B 37 3.52 29.80 15.85
CA THR B 37 4.21 30.01 17.13
C THR B 37 5.57 29.27 17.07
N ALA B 38 6.33 29.34 18.16
CA ALA B 38 7.63 28.67 18.23
C ALA B 38 7.85 28.13 19.64
N GLY B 39 8.29 26.87 19.72
CA GLY B 39 8.52 26.24 21.01
C GLY B 39 7.43 25.21 21.31
N SER B 40 6.23 25.53 20.86
CA SER B 40 5.07 24.66 21.04
C SER B 40 4.91 23.80 19.79
N PHE B 41 3.92 22.91 19.80
CA PHE B 41 3.69 22.01 18.67
C PHE B 41 2.20 21.72 18.50
N CYS B 42 1.83 21.29 17.30
CA CYS B 42 0.44 20.91 16.99
C CYS B 42 0.36 19.42 16.70
N LEU B 43 -0.83 18.85 16.88
CA LEU B 43 -1.03 17.42 16.64
C LEU B 43 -2.00 17.28 15.48
N SER B 44 -1.48 16.89 14.33
CA SER B 44 -2.34 16.70 13.18
C SER B 44 -2.76 15.25 13.14
N VAL B 45 -4.07 15.01 13.19
CA VAL B 45 -4.63 13.67 13.19
C VAL B 45 -5.73 13.50 12.15
N ARG B 46 -5.75 12.35 11.50
CA ARG B 46 -6.73 12.02 10.46
C ARG B 46 -7.97 11.34 11.05
N ASP B 47 -9.15 11.73 10.56
CA ASP B 47 -10.40 11.18 11.04
C ASP B 47 -11.45 11.14 9.94
N PHE B 48 -12.73 11.13 10.34
CA PHE B 48 -13.86 11.12 9.42
C PHE B 48 -14.91 12.14 9.89
N ASP B 49 -15.81 12.53 8.99
CA ASP B 49 -16.87 13.49 9.30
C ASP B 49 -18.07 13.19 8.41
N GLN B 50 -19.22 12.93 9.04
CA GLN B 50 -20.49 12.58 8.36
C GLN B 50 -20.81 13.30 7.04
N ASN B 51 -20.67 14.62 7.02
CA ASN B 51 -20.96 15.40 5.82
C ASN B 51 -19.89 15.19 4.75
N GLN B 52 -18.63 15.42 5.11
CA GLN B 52 -17.52 15.28 4.17
C GLN B 52 -16.96 13.86 4.01
N GLY B 53 -15.80 13.60 4.61
CA GLY B 53 -15.17 12.29 4.52
C GLY B 53 -14.07 12.19 5.56
N GLU B 54 -12.82 12.03 5.13
CA GLU B 54 -11.70 11.94 6.06
C GLU B 54 -10.96 13.26 6.21
N VAL B 55 -11.25 14.00 7.28
CA VAL B 55 -10.62 15.30 7.54
C VAL B 55 -9.51 15.19 8.58
N VAL B 56 -8.41 15.89 8.31
CA VAL B 56 -7.28 15.92 9.22
C VAL B 56 -7.52 17.01 10.26
N LYS B 57 -7.95 16.62 11.45
CA LYS B 57 -8.19 17.58 12.53
C LYS B 57 -6.89 17.95 13.20
N HIS B 58 -6.81 19.18 13.71
CA HIS B 58 -5.60 19.66 14.39
C HIS B 58 -5.86 20.03 15.83
N TYR B 59 -4.98 19.56 16.72
CA TYR B 59 -5.08 19.83 18.15
C TYR B 59 -3.86 20.58 18.65
N LYS B 60 -4.11 21.67 19.37
CA LYS B 60 -3.04 22.50 19.92
C LYS B 60 -2.47 21.94 21.22
N ILE B 61 -1.19 21.59 21.15
CA ILE B 61 -0.51 21.03 22.31
C ILE B 61 0.04 22.21 23.09
N ARG B 62 -0.64 22.55 24.17
CA ARG B 62 -0.20 23.65 25.03
C ARG B 62 1.02 23.21 25.83
N ASN B 63 1.67 24.17 26.45
CA ASN B 63 2.84 23.87 27.23
C ASN B 63 2.55 23.93 28.73
N LEU B 64 3.61 23.90 29.53
CA LEU B 64 3.48 23.95 30.98
C LEU B 64 4.75 24.53 31.61
N ASP B 65 4.53 25.27 32.69
CA ASP B 65 5.60 25.91 33.45
C ASP B 65 6.60 24.89 33.92
N ASN B 66 6.12 23.67 34.18
CA ASN B 66 6.97 22.58 34.64
C ASN B 66 7.54 21.79 33.47
N GLY B 67 7.47 22.36 32.27
CA GLY B 67 8.00 21.72 31.08
C GLY B 67 7.12 20.69 30.39
N GLY B 68 6.09 20.21 31.08
CA GLY B 68 5.20 19.23 30.49
C GLY B 68 4.42 19.80 29.34
N PHE B 69 3.54 18.99 28.76
CA PHE B 69 2.69 19.40 27.63
C PHE B 69 1.28 18.90 27.93
N TYR B 70 0.33 19.27 27.07
CA TYR B 70 -1.07 18.83 27.22
C TYR B 70 -1.96 19.36 26.10
N ILE B 71 -3.01 18.60 25.78
CA ILE B 71 -3.98 19.01 24.75
C ILE B 71 -5.11 19.63 25.59
N SER B 72 -5.62 18.82 26.51
CA SER B 72 -6.68 19.19 27.45
C SER B 72 -6.02 19.14 28.83
N PRO B 73 -6.32 20.11 29.71
CA PRO B 73 -5.71 20.12 31.04
C PRO B 73 -6.02 18.94 31.95
N ARG B 74 -7.01 18.14 31.60
CA ARG B 74 -7.40 17.00 32.41
C ARG B 74 -6.28 15.95 32.60
N ILE B 75 -5.28 15.96 31.73
CA ILE B 75 -4.14 15.05 31.79
C ILE B 75 -2.87 15.74 31.35
N THR B 76 -1.93 15.87 32.28
CA THR B 76 -0.65 16.52 32.05
C THR B 76 0.38 15.46 31.62
N PHE B 77 1.07 15.72 30.51
CA PHE B 77 2.11 14.82 29.99
C PHE B 77 3.48 15.49 30.00
N PRO B 78 4.46 14.93 30.73
CA PRO B 78 5.83 15.47 30.84
C PRO B 78 6.67 15.49 29.56
N GLY B 79 6.12 15.01 28.46
CA GLY B 79 6.84 15.00 27.21
C GLY B 79 5.90 14.68 26.08
N LEU B 80 6.31 14.95 24.85
CA LEU B 80 5.45 14.65 23.72
C LEU B 80 5.27 13.14 23.57
N HIS B 81 6.28 12.38 23.94
CA HIS B 81 6.23 10.93 23.86
C HIS B 81 5.11 10.37 24.74
N GLU B 82 5.02 10.85 25.96
CA GLU B 82 3.97 10.40 26.89
C GLU B 82 2.60 10.75 26.34
N LEU B 83 2.52 11.94 25.73
CA LEU B 83 1.27 12.42 25.17
C LEU B 83 0.81 11.52 24.03
N VAL B 84 1.77 11.08 23.21
CA VAL B 84 1.51 10.20 22.07
C VAL B 84 1.04 8.82 22.55
N ARG B 85 1.81 8.21 23.46
CA ARG B 85 1.48 6.88 23.99
C ARG B 85 0.07 6.82 24.56
N HIS B 86 -0.27 7.83 25.37
CA HIS B 86 -1.57 7.91 26.00
C HIS B 86 -2.68 7.92 24.97
N TYR B 87 -2.68 8.93 24.11
CA TYR B 87 -3.71 9.08 23.10
C TYR B 87 -3.72 7.94 22.10
N THR B 88 -2.63 7.20 22.06
CA THR B 88 -2.53 6.04 21.18
C THR B 88 -3.34 4.89 21.81
N ASN B 89 -3.44 4.89 23.13
CA ASN B 89 -4.19 3.86 23.88
C ASN B 89 -5.65 4.23 24.14
N ALA B 90 -6.00 5.47 23.86
CA ALA B 90 -7.37 5.98 24.05
C ALA B 90 -7.43 7.43 23.58
N SER B 91 -8.46 7.73 22.80
CA SER B 91 -8.66 9.07 22.28
C SER B 91 -8.82 10.06 23.43
N ASP B 92 -9.42 9.58 24.52
CA ASP B 92 -9.66 10.38 25.73
C ASP B 92 -10.25 11.74 25.35
N GLY B 93 -11.22 11.73 24.46
CA GLY B 93 -11.84 12.97 24.05
C GLY B 93 -11.44 13.35 22.66
N LEU B 94 -10.21 13.00 22.27
CA LEU B 94 -9.71 13.31 20.93
C LEU B 94 -10.72 12.84 19.88
N CYS B 95 -10.61 13.36 18.67
CA CYS B 95 -11.53 12.97 17.60
C CYS B 95 -11.38 11.48 17.26
N THR B 96 -10.32 10.86 17.76
CA THR B 96 -10.04 9.45 17.53
C THR B 96 -8.75 9.01 18.23
N ARG B 97 -8.57 7.70 18.37
CA ARG B 97 -7.38 7.10 19.01
C ARG B 97 -6.25 7.13 17.98
N LEU B 98 -5.09 7.62 18.41
CA LEU B 98 -3.94 7.74 17.51
C LEU B 98 -3.30 6.40 17.15
N SER B 99 -3.71 5.81 16.03
CA SER B 99 -3.17 4.53 15.61
C SER B 99 -1.70 4.54 15.14
N ARG B 100 -1.45 4.53 13.84
CA ARG B 100 -0.07 4.54 13.37
C ARG B 100 0.39 5.89 12.81
N PRO B 101 1.66 6.24 13.03
CA PRO B 101 2.22 7.50 12.55
C PRO B 101 1.93 7.67 11.07
N CYS B 102 2.05 8.91 10.59
CA CYS B 102 1.81 9.20 9.20
C CYS B 102 2.90 8.58 8.35
N GLN B 103 2.51 8.05 7.20
CA GLN B 103 3.45 7.44 6.28
C GLN B 103 4.11 8.46 5.39
N THR B 104 5.42 8.54 5.50
CA THR B 104 6.25 9.47 4.73
C THR B 104 6.47 8.93 3.32
C1 CC1 C . -2.91 -18.12 -26.22
N1 CC1 C . -2.60 -16.71 -26.20
C2 CC1 C . -3.37 -15.78 -26.77
CO CC1 C . -2.94 -14.36 -26.60
N2 CC1 C . -2.84 -13.67 -27.88
C12 CC1 C . -1.68 -13.06 -28.24
C13 CC1 C . -1.69 -12.39 -29.60
O4 CC1 C . -0.65 -13.04 -27.54
C4 CC1 C . -3.95 -13.66 -25.67
C5 CC1 C . -3.39 -12.28 -25.57
C6 CC1 C . -3.94 -11.24 -26.34
C8 CC1 C . -3.40 -9.95 -26.26
P2 CC1 C . -4.15 -8.63 -27.28
OR1 CC1 C . -4.84 -7.66 -26.41
OR2 CC1 C . -3.07 -7.95 -28.04
OR3 CC1 C . -5.11 -9.25 -28.23
C10 CC1 C . -2.31 -9.68 -25.38
P1 CC1 C . -1.57 -8.01 -25.22
OR4 CC1 C . -1.06 -7.54 -26.53
OR5 CC1 C . -2.62 -7.05 -24.75
OR6 CC1 C . -0.46 -8.05 -24.24
C9 CC1 C . -1.79 -10.74 -24.61
C7 CC1 C . -2.33 -12.03 -24.72
O3 CC1 C . -4.30 -16.04 -27.50
C11 CC1 C . -1.74 -18.79 -25.46
C30 CC1 C . -1.82 -20.35 -25.35
C28 CC1 C . -2.59 -20.96 -26.55
C31 CC1 C . -4.15 -20.93 -26.37
C19 CC1 C . -4.73 -19.79 -25.51
C18 CC1 C . -5.90 -20.07 -24.75
C17 CC1 C . -6.50 -19.09 -23.93
O5 CC1 C . -7.64 -19.34 -23.18
C20 CC1 C . -8.32 -20.61 -23.15
C21 CC1 C . -8.56 -21.18 -21.72
C22 CC1 C . -8.04 -22.62 -21.53
C23 CC1 C . -8.34 -23.12 -20.10
C24 CC1 C . -7.67 -22.21 -19.05
C25 CC1 C . -8.14 -20.74 -19.21
C26 CC1 C . -7.93 -20.23 -20.65
C16 CC1 C . -5.91 -17.79 -23.88
C15 CC1 C . -4.76 -17.52 -24.63
C14 CC1 C . -4.16 -18.48 -25.43
C27 CC1 C . -6.52 -16.71 -23.00
N3 CC1 C . -6.19 -15.43 -23.18
O6 CC1 C . -7.32 -17.03 -22.12
C1 CC1 D . -10.43 21.20 16.74
N1 CC1 D . -9.37 21.92 16.10
C2 CC1 D . -9.13 23.24 16.24
CO CC1 D . -7.92 23.79 15.52
N2 CC1 D . -8.24 24.95 14.71
C12 CC1 D . -9.05 24.84 13.62
C13 CC1 D . -9.32 26.12 12.85
O4 CC1 D . -9.57 23.78 13.25
C4 CC1 D . -6.87 24.15 16.58
C5 CC1 D . -5.63 24.63 15.83
C6 CC1 D . -5.33 26.00 15.72
C8 CC1 D . -4.15 26.41 15.01
P2 CC1 D . -3.80 28.22 14.89
OR1 CC1 D . -3.47 28.75 16.26
OR2 CC1 D . -2.63 28.48 14.01
OR3 CC1 D . -5.00 28.91 14.35
C10 CC1 D . -3.29 25.43 14.43
P1 CC1 D . -1.76 25.86 13.50
OR4 CC1 D . -2.08 26.72 12.34
OR5 CC1 D . -0.83 26.59 14.42
OR6 CC1 D . -1.10 24.62 13.01
C9 CC1 D . -3.64 24.07 14.57
C7 CC1 D . -4.79 23.68 15.27
O3 CC1 D . -9.88 24.01 16.80
C11 CC1 D . -10.26 19.72 16.23
C30 CC1 D . -11.28 18.65 16.75
C28 CC1 D . -12.69 19.24 17.06
C31 CC1 D . -12.76 20.11 18.38
C19 CC1 D . -11.43 20.57 19.01
C18 CC1 D . -11.33 20.46 20.39
C17 CC1 D . -10.16 20.85 21.09
O5 CC1 D . -10.10 20.72 22.46
C20 CC1 D . -11.25 20.19 23.19
C21 CC1 D . -10.97 18.91 24.00
C22 CC1 D . -11.92 17.77 23.56
C23 CC1 D . -11.63 16.50 24.39
C24 CC1 D . -10.17 16.05 24.25
C25 CC1 D . -9.19 17.19 24.62
C26 CC1 D . -9.49 18.46 23.82
C16 CC1 D . -9.06 21.35 20.35
C15 CC1 D . -9.16 21.47 18.94
C14 CC1 D . -10.34 21.08 18.27
C27 CC1 D . -7.78 21.78 21.06
N3 CC1 D . -7.77 22.13 22.37
O6 CC1 D . -6.75 21.79 20.43
#